data_5N2P
#
_entry.id   5N2P
#
_cell.length_a   76.540
_cell.length_b   76.540
_cell.length_c   122.000
_cell.angle_alpha   90.00
_cell.angle_beta   90.00
_cell.angle_gamma   90.00
#
_symmetry.space_group_name_H-M   'P 43 21 2'
#
loop_
_entity.id
_entity.type
_entity.pdbx_description
1 polymer 'Tryptophan synthase alpha chain'
2 non-polymer 'TETRAETHYLENE GLYCOL'
3 non-polymer 'CHLORIDE ION'
4 water water
#
_entity_poly.entity_id   1
_entity_poly.type   'polypeptide(L)'
_entity_poly.pdbx_seq_one_letter_code
;GKMLVVYMTLGYPNVQSFKDFIIGAVENGADILELGIPPKYAKYDGPVIRKSYDKVKGLDIWPLIEDIRKDVGVPIIALT
YLEDWVDQLENFLNMIKDVKLDGILFPDLLIDYIDDLDKIDGIIKNKGLKNVIFTSPSVPDLLIHKVSKISDLFLYYGVR
PTTGVPIPVSVKQLINRVRNLVENKLIVGFGLSSESDLRDALSAGADGIAIGTVFIEEIERNGVKSAINLVKKFRAILDE
Y
;
_entity_poly.pdbx_strand_id   A
#
loop_
_chem_comp.id
_chem_comp.type
_chem_comp.name
_chem_comp.formula
CL non-polymer 'CHLORIDE ION' 'Cl -1'
PG4 non-polymer 'TETRAETHYLENE GLYCOL' 'C8 H18 O5'
#
# COMPACT_ATOMS: atom_id res chain seq x y z
N GLY A 1 -12.86 -10.69 10.21
CA GLY A 1 -13.20 -9.28 10.01
C GLY A 1 -12.43 -8.64 8.88
N LYS A 2 -12.57 -7.33 8.78
CA LYS A 2 -11.97 -6.56 7.69
C LYS A 2 -10.60 -6.03 8.09
N MET A 3 -9.70 -5.96 7.11
CA MET A 3 -8.33 -5.54 7.32
C MET A 3 -8.17 -4.06 7.03
N LEU A 4 -7.54 -3.35 7.97
CA LEU A 4 -7.19 -1.96 7.80
C LEU A 4 -5.71 -1.89 7.43
N VAL A 5 -5.44 -1.48 6.20
CA VAL A 5 -4.08 -1.31 5.70
C VAL A 5 -3.77 0.19 5.74
N VAL A 6 -2.69 0.57 6.40
CA VAL A 6 -2.31 1.96 6.60
C VAL A 6 -1.00 2.23 5.89
N TYR A 7 -1.03 3.22 4.99
CA TYR A 7 0.17 3.68 4.32
C TYR A 7 0.74 4.91 5.01
N MET A 8 2.05 5.03 4.98
CA MET A 8 2.72 6.28 5.32
C MET A 8 4.04 6.36 4.58
N THR A 9 4.38 7.56 4.12
CA THR A 9 5.71 7.83 3.56
C THR A 9 6.75 7.70 4.65
N LEU A 10 7.72 6.81 4.44
CA LEU A 10 8.84 6.61 5.35
C LEU A 10 9.45 7.94 5.78
N GLY A 11 9.44 8.19 7.09
CA GLY A 11 10.06 9.37 7.65
C GLY A 11 9.20 10.62 7.67
N TYR A 12 8.01 10.59 7.08
CA TYR A 12 7.15 11.77 7.06
C TYR A 12 6.38 11.92 8.37
N PRO A 13 6.26 13.15 8.88
CA PRO A 13 6.83 14.43 8.40
C PRO A 13 8.28 14.65 8.84
N ASN A 14 8.61 14.09 10.00
CA ASN A 14 9.98 14.01 10.50
C ASN A 14 10.11 12.65 11.18
N VAL A 15 11.34 12.29 11.55
CA VAL A 15 11.58 10.92 12.00
C VAL A 15 10.80 10.61 13.27
N GLN A 16 10.79 11.53 14.24
CA GLN A 16 10.10 11.25 15.50
C GLN A 16 8.58 11.22 15.29
N SER A 17 8.04 12.22 14.59
CA SER A 17 6.60 12.26 14.36
C SER A 17 6.15 11.07 13.52
N PHE A 18 7.01 10.59 12.61
CA PHE A 18 6.66 9.42 11.79
C PHE A 18 6.50 8.18 12.64
N LYS A 19 7.41 7.94 13.59
CA LYS A 19 7.29 6.80 14.47
C LYS A 19 6.08 6.93 15.39
N ASP A 20 5.82 8.14 15.89
CA ASP A 20 4.60 8.38 16.65
C ASP A 20 3.36 7.98 15.87
N PHE A 21 3.27 8.39 14.61
CA PHE A 21 2.09 8.04 13.84
C PHE A 21 1.96 6.54 13.64
N ILE A 22 3.07 5.89 13.29
CA ILE A 22 3.04 4.45 13.00
C ILE A 22 2.61 3.69 14.25
N ILE A 23 3.26 3.97 15.38
CA ILE A 23 2.90 3.32 16.64
C ILE A 23 1.45 3.60 16.99
N GLY A 24 1.05 4.87 16.90
CA GLY A 24 -0.35 5.21 17.16
C GLY A 24 -1.30 4.51 16.21
N ALA A 25 -0.94 4.43 14.93
CA ALA A 25 -1.79 3.76 13.95
C ALA A 25 -1.97 2.28 14.29
N VAL A 26 -0.88 1.60 14.63
CA VAL A 26 -0.96 0.19 14.98
C VAL A 26 -1.76 0.00 16.26
N GLU A 27 -1.53 0.87 17.26
CA GLU A 27 -2.30 0.82 18.49
C GLU A 27 -3.80 0.98 18.23
N ASN A 28 -4.17 1.76 17.22
CA ASN A 28 -5.58 2.04 16.97
C ASN A 28 -6.18 1.16 15.87
N GLY A 29 -5.51 0.07 15.52
CA GLY A 29 -6.13 -1.02 14.78
C GLY A 29 -5.64 -1.27 13.37
N ALA A 30 -4.57 -0.63 12.95
CA ALA A 30 -3.98 -0.94 11.65
C ALA A 30 -3.51 -2.38 11.63
N ASP A 31 -3.97 -3.13 10.63
CA ASP A 31 -3.59 -4.53 10.53
C ASP A 31 -2.32 -4.72 9.72
N ILE A 32 -2.09 -3.89 8.72
CA ILE A 32 -0.94 -3.98 7.84
C ILE A 32 -0.38 -2.57 7.68
N LEU A 33 0.94 -2.47 7.67
CA LEU A 33 1.59 -1.21 7.33
C LEU A 33 2.20 -1.32 5.94
N GLU A 34 1.95 -0.29 5.13
CA GLU A 34 2.71 -0.03 3.92
C GLU A 34 3.60 1.18 4.17
N LEU A 35 4.90 1.03 3.91
CA LEU A 35 5.85 2.11 4.04
C LEU A 35 6.32 2.56 2.65
N GLY A 36 6.14 3.84 2.36
CA GLY A 36 6.54 4.36 1.07
C GLY A 36 8.01 4.72 1.01
N ILE A 37 8.78 3.97 0.24
CA ILE A 37 10.20 4.28 0.02
C ILE A 37 10.28 5.43 -0.97
N PRO A 38 10.90 6.55 -0.61
CA PRO A 38 10.99 7.68 -1.55
C PRO A 38 11.65 7.25 -2.84
N PRO A 39 11.10 7.65 -3.98
CA PRO A 39 11.51 7.04 -5.25
C PRO A 39 12.78 7.67 -5.80
N LYS A 40 13.60 6.82 -6.43
CA LYS A 40 14.83 7.32 -7.02
C LYS A 40 14.54 8.25 -8.21
N TYR A 41 13.39 8.10 -8.84
CA TYR A 41 12.98 8.94 -9.96
C TYR A 41 11.53 9.33 -9.79
N ALA A 42 11.05 10.17 -10.71
CA ALA A 42 9.63 10.52 -10.74
C ALA A 42 8.84 9.44 -11.46
N LYS A 43 7.64 9.14 -10.93
CA LYS A 43 6.74 8.15 -11.49
C LYS A 43 5.28 8.55 -11.26
N TYR A 44 4.40 7.58 -11.02
CA TYR A 44 2.95 7.82 -10.95
C TYR A 44 2.49 8.32 -9.58
N ASP A 45 3.18 9.26 -8.96
CA ASP A 45 2.78 9.75 -7.64
C ASP A 45 2.08 11.11 -7.76
N GLY A 46 1.08 11.29 -6.90
CA GLY A 46 0.26 12.49 -6.92
C GLY A 46 0.87 13.63 -6.14
N PRO A 47 0.14 14.75 -6.07
CA PRO A 47 0.71 15.97 -5.48
C PRO A 47 1.06 15.82 -4.01
N VAL A 48 0.20 15.14 -3.25
CA VAL A 48 0.42 15.07 -1.81
C VAL A 48 1.43 13.98 -1.43
N ILE A 49 1.49 12.89 -2.20
CA ILE A 49 2.57 11.93 -2.01
C ILE A 49 3.91 12.56 -2.34
N ARG A 50 3.98 13.27 -3.48
CA ARG A 50 5.22 13.91 -3.90
C ARG A 50 5.71 14.90 -2.84
N LYS A 51 4.81 15.74 -2.33
CA LYS A 51 5.24 16.68 -1.30
C LYS A 51 5.71 15.97 -0.05
N SER A 52 5.11 14.81 0.28
CA SER A 52 5.63 14.03 1.40
C SER A 52 7.02 13.50 1.09
N TYR A 53 7.28 13.14 -0.16
CA TYR A 53 8.62 12.74 -0.57
C TYR A 53 9.60 13.91 -0.50
N ASP A 54 9.11 15.11 -0.82
CA ASP A 54 9.94 16.30 -0.71
C ASP A 54 10.46 16.49 0.70
N LYS A 55 9.61 16.30 1.70
CA LYS A 55 10.01 16.66 3.05
C LYS A 55 10.96 15.66 3.68
N VAL A 56 11.08 14.45 3.12
CA VAL A 56 12.04 13.47 3.62
C VAL A 56 13.17 13.25 2.63
N LYS A 57 13.40 14.23 1.76
CA LYS A 57 14.43 14.16 0.74
C LYS A 57 15.80 13.83 1.35
N GLY A 58 16.45 12.81 0.79
CA GLY A 58 17.76 12.42 1.27
C GLY A 58 17.76 11.64 2.56
N LEU A 59 16.61 11.11 2.96
CA LEU A 59 16.53 10.35 4.20
C LEU A 59 17.40 9.10 4.14
N ASP A 60 18.01 8.76 5.27
CA ASP A 60 18.73 7.51 5.45
C ASP A 60 17.68 6.43 5.70
N ILE A 61 17.29 5.73 4.64
CA ILE A 61 16.02 4.98 4.69
C ILE A 61 16.16 3.65 5.42
N TRP A 62 17.32 3.00 5.36
CA TRP A 62 17.36 1.64 5.90
C TRP A 62 17.39 1.59 7.43
N PRO A 63 18.13 2.46 8.11
CA PRO A 63 18.04 2.46 9.59
C PRO A 63 16.64 2.73 10.10
N LEU A 64 15.88 3.60 9.43
CA LEU A 64 14.52 3.88 9.88
C LEU A 64 13.61 2.66 9.69
N ILE A 65 13.71 2.00 8.52
CA ILE A 65 12.96 0.78 8.28
C ILE A 65 13.27 -0.26 9.36
N GLU A 66 14.55 -0.48 9.62
CA GLU A 66 14.95 -1.35 10.73
C GLU A 66 14.29 -0.92 12.03
N ASP A 67 14.35 0.38 12.32
CA ASP A 67 13.87 0.89 13.59
C ASP A 67 12.38 0.62 13.76
N ILE A 68 11.59 0.94 12.74
CA ILE A 68 10.15 0.79 12.84
C ILE A 68 9.77 -0.70 12.90
N ARG A 69 10.59 -1.56 12.29
CA ARG A 69 10.40 -3.00 12.35
C ARG A 69 10.51 -3.52 13.78
N LYS A 70 11.43 -2.95 14.56
CA LYS A 70 11.53 -3.33 15.96
C LYS A 70 10.34 -2.84 16.77
N ASP A 71 9.70 -1.75 16.31
CA ASP A 71 8.68 -1.09 17.13
C ASP A 71 7.30 -1.71 17.00
N VAL A 72 6.96 -2.33 15.87
CA VAL A 72 5.61 -2.84 15.66
C VAL A 72 5.68 -4.24 15.09
N GLY A 73 4.69 -5.07 15.47
CA GLY A 73 4.64 -6.48 15.12
C GLY A 73 3.70 -6.87 14.01
N VAL A 74 3.04 -5.91 13.37
CA VAL A 74 2.13 -6.23 12.28
C VAL A 74 2.95 -6.46 11.01
N PRO A 75 2.38 -7.11 9.99
CA PRO A 75 3.09 -7.21 8.70
C PRO A 75 3.36 -5.83 8.13
N ILE A 76 4.60 -5.63 7.67
CA ILE A 76 5.04 -4.40 7.06
C ILE A 76 5.41 -4.69 5.63
N ILE A 77 4.81 -3.94 4.69
CA ILE A 77 5.08 -4.10 3.27
C ILE A 77 5.80 -2.85 2.78
N ALA A 78 6.87 -3.03 2.02
CA ALA A 78 7.59 -1.92 1.44
C ALA A 78 6.94 -1.52 0.12
N LEU A 79 6.57 -0.25 0.00
CA LEU A 79 6.02 0.29 -1.24
C LEU A 79 7.09 1.07 -1.97
N THR A 80 7.49 0.57 -3.13
CA THR A 80 8.56 1.18 -3.92
C THR A 80 8.38 0.72 -5.36
N TYR A 81 8.92 1.50 -6.28
CA TYR A 81 8.82 1.15 -7.69
C TYR A 81 9.89 0.14 -8.06
N LEU A 82 9.47 -0.98 -8.66
CA LEU A 82 10.41 -1.94 -9.19
C LEU A 82 11.42 -1.28 -10.12
N GLU A 83 11.03 -0.17 -10.74
CA GLU A 83 11.94 0.73 -11.45
C GLU A 83 13.24 0.95 -10.67
N ASP A 84 13.13 1.55 -9.48
CA ASP A 84 14.29 2.00 -8.71
C ASP A 84 15.18 0.86 -8.24
N TRP A 85 14.78 -0.40 -8.44
CA TRP A 85 15.55 -1.50 -7.91
C TRP A 85 15.73 -2.65 -8.91
N VAL A 86 15.28 -2.49 -10.15
CA VAL A 86 15.43 -3.58 -11.11
C VAL A 86 16.90 -3.81 -11.45
N ASP A 87 17.70 -2.74 -11.50
CA ASP A 87 19.14 -2.90 -11.68
CA ASP A 87 19.13 -2.91 -11.69
C ASP A 87 19.74 -3.77 -10.60
N GLN A 88 19.20 -3.68 -9.38
CA GLN A 88 19.79 -4.31 -8.21
C GLN A 88 18.80 -5.16 -7.44
N LEU A 89 17.85 -5.79 -8.14
CA LEU A 89 16.74 -6.51 -7.51
C LEU A 89 17.22 -7.56 -6.50
N GLU A 90 18.48 -7.98 -6.55
CA GLU A 90 18.93 -9.00 -5.62
C GLU A 90 19.34 -8.42 -4.27
N ASN A 91 20.16 -7.36 -4.26
CA ASN A 91 20.53 -6.78 -2.97
C ASN A 91 19.38 -6.03 -2.33
N PHE A 92 18.34 -5.72 -3.11
CA PHE A 92 17.16 -5.12 -2.51
C PHE A 92 16.35 -6.15 -1.73
N LEU A 93 16.00 -7.28 -2.37
CA LEU A 93 15.19 -8.28 -1.70
C LEU A 93 15.91 -8.90 -0.50
N ASN A 94 17.22 -9.08 -0.61
CA ASN A 94 17.98 -9.57 0.55
C ASN A 94 18.01 -8.53 1.66
N MET A 95 18.17 -7.25 1.32
CA MET A 95 18.13 -6.20 2.33
C MET A 95 16.76 -6.15 3.00
N ILE A 96 15.70 -6.31 2.22
CA ILE A 96 14.34 -6.31 2.77
C ILE A 96 14.18 -7.41 3.80
N LYS A 97 14.59 -8.63 3.46
CA LYS A 97 14.57 -9.71 4.44
C LYS A 97 15.60 -9.51 5.55
N ASP A 98 16.73 -8.85 5.25
CA ASP A 98 17.73 -8.59 6.27
C ASP A 98 17.17 -7.70 7.39
N VAL A 99 16.37 -6.69 7.04
CA VAL A 99 15.81 -5.78 8.04
C VAL A 99 14.46 -6.27 8.56
N LYS A 100 14.00 -7.44 8.09
CA LYS A 100 12.89 -8.23 8.62
C LYS A 100 11.52 -7.78 8.14
N LEU A 101 11.43 -7.00 7.07
CA LEU A 101 10.13 -6.67 6.51
C LEU A 101 9.48 -7.92 5.93
N ASP A 102 8.15 -7.87 5.79
CA ASP A 102 7.40 -9.04 5.39
C ASP A 102 7.21 -9.15 3.88
N GLY A 103 7.30 -8.06 3.14
CA GLY A 103 7.08 -8.16 1.72
C GLY A 103 7.26 -6.81 1.05
N ILE A 104 6.87 -6.79 -0.23
CA ILE A 104 6.99 -5.62 -1.07
C ILE A 104 5.71 -5.47 -1.87
N LEU A 105 5.51 -4.26 -2.40
CA LEU A 105 4.47 -4.02 -3.40
C LEU A 105 5.08 -3.13 -4.47
N PHE A 106 5.19 -3.66 -5.68
CA PHE A 106 5.69 -2.88 -6.81
C PHE A 106 4.50 -2.38 -7.60
N PRO A 107 4.16 -1.09 -7.52
CA PRO A 107 3.00 -0.60 -8.30
C PRO A 107 3.18 -0.78 -9.79
N ASP A 108 4.38 -0.55 -10.32
CA ASP A 108 4.66 -0.61 -11.74
C ASP A 108 4.99 -2.01 -12.23
N LEU A 109 4.76 -3.04 -11.41
CA LEU A 109 5.06 -4.41 -11.82
C LEU A 109 4.19 -4.83 -13.00
N LEU A 110 2.87 -4.71 -12.86
CA LEU A 110 1.99 -5.15 -13.93
C LEU A 110 1.96 -4.19 -15.11
N ILE A 111 2.47 -2.97 -14.93
CA ILE A 111 2.54 -2.02 -16.04
C ILE A 111 3.80 -2.25 -16.84
N ASP A 112 4.95 -1.92 -16.25
CA ASP A 112 6.20 -1.78 -17.00
C ASP A 112 7.06 -3.03 -17.00
N TYR A 113 6.66 -4.08 -16.28
CA TYR A 113 7.47 -5.29 -16.19
C TYR A 113 6.59 -6.52 -16.27
N ILE A 114 5.48 -6.42 -17.00
CA ILE A 114 4.47 -7.47 -17.04
C ILE A 114 5.07 -8.80 -17.53
N ASP A 115 6.02 -8.73 -18.46
CA ASP A 115 6.64 -9.96 -18.97
C ASP A 115 7.52 -10.61 -17.92
N ASP A 116 8.08 -9.83 -17.00
CA ASP A 116 8.90 -10.36 -15.92
C ASP A 116 8.08 -10.82 -14.72
N LEU A 117 6.75 -10.84 -14.82
CA LEU A 117 5.92 -11.09 -13.63
C LEU A 117 6.26 -12.43 -12.99
N ASP A 118 6.27 -13.51 -13.78
CA ASP A 118 6.40 -14.83 -13.20
C ASP A 118 7.81 -15.09 -12.66
N LYS A 119 8.83 -14.53 -13.29
CA LYS A 119 10.18 -14.62 -12.71
C LYS A 119 10.22 -13.90 -11.37
N ILE A 120 9.69 -12.68 -11.32
CA ILE A 120 9.86 -11.82 -10.15
C ILE A 120 9.06 -12.37 -8.97
N ASP A 121 7.85 -12.86 -9.23
CA ASP A 121 7.11 -13.52 -8.16
C ASP A 121 7.87 -14.71 -7.62
N GLY A 122 8.47 -15.52 -8.51
CA GLY A 122 9.22 -16.68 -8.06
C GLY A 122 10.37 -16.33 -7.16
N ILE A 123 11.14 -15.30 -7.53
CA ILE A 123 12.30 -14.87 -6.74
CA ILE A 123 12.30 -14.94 -6.72
C ILE A 123 11.85 -14.40 -5.36
N ILE A 124 10.85 -13.52 -5.34
CA ILE A 124 10.34 -12.99 -4.07
C ILE A 124 9.89 -14.14 -3.18
N LYS A 125 9.14 -15.09 -3.75
CA LYS A 125 8.55 -16.16 -2.95
C LYS A 125 9.60 -17.13 -2.42
N ASN A 126 10.69 -17.34 -3.15
N ASN A 126 10.70 -17.35 -3.16
CA ASN A 126 11.75 -18.22 -2.65
CA ASN A 126 11.79 -18.19 -2.69
C ASN A 126 12.69 -17.51 -1.68
C ASN A 126 12.81 -17.42 -1.87
N LYS A 127 12.44 -16.24 -1.37
CA LYS A 127 13.15 -15.56 -0.30
C LYS A 127 12.30 -15.51 0.96
N GLY A 128 11.19 -16.23 0.99
CA GLY A 128 10.26 -16.16 2.08
C GLY A 128 9.46 -14.89 2.16
N LEU A 129 9.61 -14.00 1.19
CA LEU A 129 8.97 -12.69 1.20
C LEU A 129 7.60 -12.74 0.54
N LYS A 130 6.78 -11.76 0.87
CA LYS A 130 5.44 -11.63 0.33
C LYS A 130 5.46 -10.71 -0.89
N ASN A 131 4.86 -11.18 -1.99
CA ASN A 131 4.68 -10.33 -3.17
C ASN A 131 3.22 -9.88 -3.20
N VAL A 132 3.00 -8.65 -2.76
CA VAL A 132 1.67 -8.03 -2.78
C VAL A 132 1.53 -7.33 -4.13
N ILE A 133 0.61 -7.82 -4.96
CA ILE A 133 0.53 -7.37 -6.34
C ILE A 133 -0.50 -6.26 -6.47
N PHE A 134 -0.11 -5.19 -7.16
CA PHE A 134 -0.94 -4.01 -7.35
C PHE A 134 -1.74 -4.15 -8.64
N THR A 135 -3.05 -3.99 -8.54
CA THR A 135 -3.91 -3.88 -9.71
C THR A 135 -4.75 -2.62 -9.61
N SER A 136 -5.50 -2.35 -10.67
CA SER A 136 -6.28 -1.13 -10.78
C SER A 136 -7.31 -1.32 -11.88
N PRO A 137 -8.25 -0.39 -12.08
CA PRO A 137 -9.22 -0.57 -13.17
C PRO A 137 -8.60 -0.75 -14.55
N SER A 138 -7.39 -0.26 -14.79
CA SER A 138 -6.77 -0.38 -16.10
C SER A 138 -6.02 -1.71 -16.29
N VAL A 139 -6.15 -2.64 -15.36
CA VAL A 139 -5.56 -3.96 -15.50
C VAL A 139 -6.62 -4.89 -16.07
N PRO A 140 -6.38 -5.52 -17.22
CA PRO A 140 -7.41 -6.36 -17.85
C PRO A 140 -7.90 -7.45 -16.92
N ASP A 141 -9.18 -7.80 -17.10
CA ASP A 141 -9.89 -8.66 -16.15
C ASP A 141 -9.21 -10.01 -15.97
N LEU A 142 -8.67 -10.59 -17.04
CA LEU A 142 -8.10 -11.92 -16.89
C LEU A 142 -6.74 -11.87 -16.19
N LEU A 143 -5.95 -10.82 -16.44
CA LEU A 143 -4.72 -10.64 -15.67
C LEU A 143 -5.04 -10.49 -14.18
N ILE A 144 -6.07 -9.71 -13.84
CA ILE A 144 -6.47 -9.57 -12.45
C ILE A 144 -6.77 -10.94 -11.85
N HIS A 145 -7.47 -11.77 -12.61
CA HIS A 145 -7.76 -13.12 -12.16
C HIS A 145 -6.48 -13.92 -11.97
N LYS A 146 -5.55 -13.78 -12.90
CA LYS A 146 -4.27 -14.48 -12.82
C LYS A 146 -3.55 -14.12 -11.52
N VAL A 147 -3.22 -12.84 -11.36
CA VAL A 147 -2.44 -12.41 -10.20
C VAL A 147 -3.19 -12.61 -8.89
N SER A 148 -4.53 -12.66 -8.94
CA SER A 148 -5.30 -12.90 -7.73
C SER A 148 -4.96 -14.23 -7.08
N LYS A 149 -4.50 -15.22 -7.85
CA LYS A 149 -4.17 -16.52 -7.29
C LYS A 149 -2.73 -16.64 -6.81
N ILE A 150 -1.87 -15.70 -7.19
CA ILE A 150 -0.48 -15.72 -6.75
C ILE A 150 -0.17 -14.64 -5.70
N SER A 151 -0.97 -13.57 -5.62
CA SER A 151 -0.64 -12.46 -4.73
C SER A 151 -0.61 -12.92 -3.28
N ASP A 152 0.43 -12.51 -2.57
CA ASP A 152 0.61 -12.90 -1.18
C ASP A 152 -0.12 -11.92 -0.27
N LEU A 153 -0.68 -12.47 0.82
CA LEU A 153 -1.51 -11.76 1.79
C LEU A 153 -2.84 -11.34 1.18
N PHE A 154 -2.79 -10.58 0.09
CA PHE A 154 -4.00 -10.10 -0.58
C PHE A 154 -3.61 -9.52 -1.94
N LEU A 155 -4.61 -9.44 -2.81
CA LEU A 155 -4.49 -8.65 -4.02
C LEU A 155 -4.94 -7.23 -3.72
N TYR A 156 -4.15 -6.25 -4.17
CA TYR A 156 -4.40 -4.83 -3.95
C TYR A 156 -5.05 -4.25 -5.20
N TYR A 157 -6.15 -3.51 -5.01
CA TYR A 157 -6.91 -2.91 -6.10
C TYR A 157 -7.08 -1.43 -5.78
N GLY A 158 -6.39 -0.58 -6.54
CA GLY A 158 -6.34 0.84 -6.28
C GLY A 158 -7.36 1.59 -7.14
N VAL A 159 -8.19 2.39 -6.46
CA VAL A 159 -9.19 3.23 -7.11
C VAL A 159 -9.05 4.63 -6.54
N ARG A 160 -9.83 5.55 -7.11
CA ARG A 160 -9.92 6.93 -6.65
C ARG A 160 -8.55 7.60 -6.50
N PRO A 161 -7.76 7.66 -7.57
CA PRO A 161 -6.45 8.31 -7.45
C PRO A 161 -6.58 9.81 -7.26
N THR A 162 -5.53 10.37 -6.66
CA THR A 162 -5.50 11.81 -6.51
C THR A 162 -5.15 12.50 -7.83
N THR A 163 -4.34 11.86 -8.66
CA THR A 163 -4.03 12.37 -9.99
C THR A 163 -5.17 12.05 -10.95
N GLY A 164 -5.31 12.87 -11.99
CA GLY A 164 -6.30 12.59 -13.02
C GLY A 164 -7.74 12.72 -12.53
N VAL A 165 -8.66 12.33 -13.41
CA VAL A 165 -10.09 12.35 -13.12
CA VAL A 165 -10.09 12.34 -13.13
C VAL A 165 -10.51 10.94 -12.70
N PRO A 166 -11.16 10.79 -11.55
CA PRO A 166 -11.65 9.47 -11.16
C PRO A 166 -12.66 8.94 -12.16
N ILE A 167 -12.78 7.61 -12.22
CA ILE A 167 -13.82 6.97 -13.02
C ILE A 167 -15.17 7.38 -12.44
N PRO A 168 -16.03 8.09 -13.23
CA PRO A 168 -17.34 8.53 -12.71
C PRO A 168 -18.33 7.38 -12.56
N VAL A 169 -17.90 6.36 -11.83
CA VAL A 169 -18.72 5.18 -11.53
C VAL A 169 -18.59 4.91 -10.03
N SER A 170 -19.70 4.53 -9.40
CA SER A 170 -19.68 4.28 -7.97
C SER A 170 -18.66 3.21 -7.62
N VAL A 171 -18.00 3.38 -6.48
CA VAL A 171 -17.05 2.37 -6.01
C VAL A 171 -17.74 1.03 -5.81
N LYS A 172 -19.01 1.05 -5.39
CA LYS A 172 -19.77 -0.19 -5.29
C LYS A 172 -19.78 -0.96 -6.60
N GLN A 173 -19.98 -0.24 -7.72
CA GLN A 173 -20.01 -0.93 -9.01
C GLN A 173 -18.61 -1.35 -9.44
N LEU A 174 -17.60 -0.51 -9.22
CA LEU A 174 -16.23 -0.88 -9.57
C LEU A 174 -15.80 -2.16 -8.86
N ILE A 175 -16.15 -2.29 -7.58
CA ILE A 175 -15.72 -3.46 -6.83
C ILE A 175 -16.59 -4.67 -7.16
N ASN A 176 -17.88 -4.44 -7.40
CA ASN A 176 -18.74 -5.51 -7.92
C ASN A 176 -18.11 -6.21 -9.13
N ARG A 177 -17.47 -5.44 -10.01
CA ARG A 177 -16.95 -6.01 -11.25
C ARG A 177 -15.59 -6.67 -11.12
N VAL A 178 -14.92 -6.54 -9.97
CA VAL A 178 -13.68 -7.30 -9.75
C VAL A 178 -13.80 -8.31 -8.63
N ARG A 179 -14.75 -8.16 -7.70
CA ARG A 179 -14.83 -9.06 -6.56
C ARG A 179 -14.86 -10.52 -7.00
N ASN A 180 -15.67 -10.82 -8.01
CA ASN A 180 -15.81 -12.17 -8.55
CA ASN A 180 -15.78 -12.20 -8.45
C ASN A 180 -14.59 -12.64 -9.31
N LEU A 181 -13.67 -11.74 -9.65
CA LEU A 181 -12.46 -12.09 -10.38
C LEU A 181 -11.29 -12.43 -9.47
N VAL A 182 -11.38 -12.09 -8.19
CA VAL A 182 -10.26 -12.13 -7.27
C VAL A 182 -10.51 -13.28 -6.30
N GLU A 183 -9.78 -14.38 -6.47
CA GLU A 183 -9.94 -15.49 -5.53
C GLU A 183 -9.25 -15.27 -4.20
N ASN A 184 -8.39 -14.26 -4.12
CA ASN A 184 -7.61 -13.96 -2.93
C ASN A 184 -8.49 -13.21 -1.92
N LYS A 185 -7.87 -12.73 -0.85
CA LYS A 185 -8.43 -11.59 -0.17
C LYS A 185 -8.27 -10.36 -1.06
N LEU A 186 -9.22 -9.44 -0.97
CA LEU A 186 -9.26 -8.26 -1.83
C LEU A 186 -9.19 -7.02 -0.96
N ILE A 187 -8.08 -6.29 -1.08
CA ILE A 187 -7.90 -5.00 -0.43
C ILE A 187 -8.09 -3.91 -1.47
N VAL A 188 -8.98 -2.97 -1.19
CA VAL A 188 -9.22 -1.85 -2.08
C VAL A 188 -8.49 -0.64 -1.52
N GLY A 189 -7.57 -0.09 -2.31
CA GLY A 189 -6.81 1.08 -1.91
C GLY A 189 -7.40 2.34 -2.52
N PHE A 190 -7.24 3.46 -1.81
CA PHE A 190 -7.87 4.72 -2.17
C PHE A 190 -6.86 5.84 -2.16
N GLY A 191 -6.93 6.72 -3.16
CA GLY A 191 -6.21 7.98 -3.11
C GLY A 191 -7.04 8.98 -2.34
N LEU A 192 -8.21 9.33 -2.90
CA LEU A 192 -9.24 10.06 -2.17
C LEU A 192 -10.12 9.03 -1.45
N SER A 193 -10.41 9.28 -0.18
CA SER A 193 -11.09 8.30 0.67
C SER A 193 -12.35 8.92 1.28
N SER A 194 -13.40 9.08 0.47
CA SER A 194 -14.70 9.41 1.05
C SER A 194 -15.23 8.19 1.82
N GLU A 195 -15.98 8.47 2.89
CA GLU A 195 -16.56 7.37 3.66
C GLU A 195 -17.55 6.56 2.82
N SER A 196 -18.28 7.22 1.93
CA SER A 196 -19.17 6.50 1.02
C SER A 196 -18.39 5.53 0.14
N ASP A 197 -17.26 5.99 -0.40
CA ASP A 197 -16.43 5.10 -1.22
C ASP A 197 -15.95 3.89 -0.43
N LEU A 198 -15.53 4.10 0.83
CA LEU A 198 -15.01 2.99 1.62
C LEU A 198 -16.10 1.98 1.96
N ARG A 199 -17.28 2.46 2.38
CA ARG A 199 -18.38 1.55 2.67
C ARG A 199 -18.88 0.83 1.43
N ASP A 200 -18.83 1.50 0.27
CA ASP A 200 -19.17 0.85 -0.98
C ASP A 200 -18.28 -0.36 -1.24
N ALA A 201 -16.97 -0.21 -1.02
CA ALA A 201 -16.04 -1.32 -1.26
C ALA A 201 -16.28 -2.46 -0.28
N LEU A 202 -16.43 -2.14 1.01
CA LEU A 202 -16.67 -3.17 2.00
C LEU A 202 -17.99 -3.87 1.77
N SER A 203 -19.07 -3.11 1.50
CA SER A 203 -20.36 -3.72 1.22
C SER A 203 -20.34 -4.52 -0.08
N ALA A 204 -19.44 -4.19 -1.01
CA ALA A 204 -19.29 -4.95 -2.25
C ALA A 204 -18.40 -6.18 -2.09
N GLY A 205 -17.86 -6.43 -0.90
CA GLY A 205 -17.17 -7.67 -0.62
C GLY A 205 -15.67 -7.55 -0.46
N ALA A 206 -15.12 -6.35 -0.47
CA ALA A 206 -13.69 -6.19 -0.20
C ALA A 206 -13.38 -6.73 1.19
N ASP A 207 -12.21 -7.33 1.34
CA ASP A 207 -11.80 -7.87 2.62
C ASP A 207 -11.07 -6.85 3.47
N GLY A 208 -10.79 -5.69 2.91
CA GLY A 208 -10.27 -4.58 3.68
C GLY A 208 -10.00 -3.42 2.75
N ILE A 209 -9.51 -2.34 3.33
CA ILE A 209 -9.21 -1.14 2.57
C ILE A 209 -7.82 -0.65 2.96
N ALA A 210 -7.18 0.05 2.03
CA ALA A 210 -5.89 0.67 2.27
C ALA A 210 -6.01 2.17 2.05
N ILE A 211 -5.52 2.95 3.01
CA ILE A 211 -5.61 4.41 2.95
C ILE A 211 -4.29 4.99 3.42
N GLY A 212 -3.93 6.14 2.87
CA GLY A 212 -2.65 6.73 3.17
C GLY A 212 -2.60 8.23 3.03
N THR A 213 -2.95 8.74 1.86
CA THR A 213 -2.89 10.18 1.61
C THR A 213 -3.76 10.95 2.60
N VAL A 214 -4.88 10.36 3.03
CA VAL A 214 -5.74 11.00 4.02
C VAL A 214 -4.97 11.29 5.29
N PHE A 215 -4.05 10.40 5.65
CA PHE A 215 -3.27 10.61 6.88
C PHE A 215 -2.20 11.67 6.69
N ILE A 216 -1.57 11.71 5.52
CA ILE A 216 -0.60 12.77 5.23
C ILE A 216 -1.28 14.13 5.31
N GLU A 217 -2.46 14.26 4.72
CA GLU A 217 -3.23 15.50 4.80
C GLU A 217 -3.59 15.85 6.24
N GLU A 218 -4.09 14.87 7.00
CA GLU A 218 -4.51 15.16 8.37
C GLU A 218 -3.32 15.57 9.23
N ILE A 219 -2.15 15.00 8.97
CA ILE A 219 -0.95 15.39 9.70
C ILE A 219 -0.61 16.85 9.42
N GLU A 220 -0.59 17.24 8.14
CA GLU A 220 -0.18 18.60 7.79
C GLU A 220 -1.16 19.64 8.30
N ARG A 221 -2.42 19.27 8.47
CA ARG A 221 -3.36 20.33 8.84
C ARG A 221 -3.74 20.29 10.30
N ASN A 222 -3.84 19.10 10.92
CA ASN A 222 -4.16 19.03 12.33
C ASN A 222 -3.15 18.24 13.18
N GLY A 223 -2.11 17.68 12.59
CA GLY A 223 -1.07 17.07 13.41
C GLY A 223 -1.20 15.57 13.55
N VAL A 224 -0.15 14.98 14.12
CA VAL A 224 -0.01 13.53 14.17
C VAL A 224 -1.11 12.90 15.02
N LYS A 225 -1.40 13.47 16.19
CA LYS A 225 -2.40 12.87 17.07
C LYS A 225 -3.78 12.88 16.42
N SER A 226 -4.08 13.91 15.61
CA SER A 226 -5.33 13.93 14.87
C SER A 226 -5.36 12.84 13.82
N ALA A 227 -4.25 12.64 13.11
CA ALA A 227 -4.18 11.57 12.12
C ALA A 227 -4.31 10.21 12.77
N ILE A 228 -3.72 10.05 13.96
CA ILE A 228 -3.88 8.80 14.70
C ILE A 228 -5.34 8.55 15.02
N ASN A 229 -6.08 9.61 15.35
CA ASN A 229 -7.50 9.43 15.66
C ASN A 229 -8.32 9.07 14.43
N LEU A 230 -7.90 9.52 13.25
CA LEU A 230 -8.55 9.07 12.02
C LEU A 230 -8.42 7.56 11.86
N VAL A 231 -7.26 6.99 12.21
CA VAL A 231 -7.09 5.55 12.18
C VAL A 231 -8.14 4.87 13.05
N LYS A 232 -8.34 5.38 14.28
CA LYS A 232 -9.39 4.86 15.14
C LYS A 232 -10.74 4.91 14.45
N LYS A 233 -11.03 6.00 13.73
CA LYS A 233 -12.32 6.15 13.07
C LYS A 233 -12.47 5.13 11.94
N PHE A 234 -11.45 4.97 11.10
CA PHE A 234 -11.52 4.00 10.03
C PHE A 234 -11.63 2.57 10.57
N ARG A 235 -10.97 2.30 11.69
CA ARG A 235 -11.08 1.00 12.33
C ARG A 235 -12.53 0.69 12.73
N ALA A 236 -13.18 1.65 13.39
CA ALA A 236 -14.58 1.46 13.79
C ALA A 236 -15.47 1.22 12.58
N ILE A 237 -15.26 1.94 11.48
CA ILE A 237 -16.07 1.76 10.27
C ILE A 237 -15.89 0.35 9.73
N LEU A 238 -14.64 -0.10 9.59
CA LEU A 238 -14.40 -1.47 9.14
C LEU A 238 -14.98 -2.49 10.11
N ASP A 239 -15.05 -2.16 11.40
CA ASP A 239 -15.58 -3.09 12.38
C ASP A 239 -17.10 -3.23 12.31
N GLU A 240 -17.78 -2.38 11.53
CA GLU A 240 -19.21 -2.56 11.29
C GLU A 240 -19.51 -3.65 10.29
N TYR A 241 -18.50 -4.23 9.64
CA TYR A 241 -18.71 -5.18 8.56
C TYR A 241 -18.19 -6.58 8.87
O1 PG4 B . 12.38 -14.06 10.68
C1 PG4 B . 12.79 -13.19 11.70
C2 PG4 B . 12.78 -13.88 13.02
O2 PG4 B . 13.85 -13.37 13.79
C3 PG4 B . 15.12 -13.73 13.22
C4 PG4 B . 16.30 -13.16 14.04
O3 PG4 B . 17.54 -13.68 13.53
C5 PG4 B . 17.54 -13.75 12.09
C6 PG4 B . 18.88 -13.55 11.48
O4 PG4 B . 18.85 -14.11 10.14
C7 PG4 B . 18.27 -13.28 9.17
C8 PG4 B . 18.00 -14.10 7.87
O5 PG4 B . 16.61 -14.40 7.80
O2 PG4 C . -0.64 5.42 -0.89
C3 PG4 C . -1.36 4.38 -1.52
C4 PG4 C . -1.68 3.36 -0.48
O3 PG4 C . -2.79 3.79 0.25
CL CL D . -11.44 5.60 -9.69
#